data_4XKQ
#
_entry.id   4XKQ
#
_cell.length_a   62.500
_cell.length_b   67.220
_cell.length_c   116.040
_cell.angle_alpha   90.00
_cell.angle_beta   90.00
_cell.angle_gamma   90.00
#
_symmetry.space_group_name_H-M   'P 21 21 21'
#
loop_
_entity.id
_entity.type
_entity.pdbx_description
1 polymer 'Nickel ABC transporter substrate-binding protein'
2 non-polymer 'NICKEL (II) ION'
3 non-polymer HISTIDINE
4 non-polymer GLYCEROL
5 non-polymer '4-(2-HYDROXYETHYL)-1-PIPERAZINE ETHANESULFONIC ACID'
6 water water
#
_entity_poly.entity_id   1
_entity_poly.type   'polypeptide(L)'
_entity_poly.pdbx_seq_one_letter_code
;CGSMHSSGKDLNISLPLKTKSIAPYETDVPVKIGAAESLFKTNDQGKIEKALVKSYHQPNDTTLDIELKDNIKFQNGQKL
TAEKVKSSLENSMKKSDLVKYSLPISSITAKGQKLTIKTNSAYPELVSELANPFMAIYDTDAKSDVNQTPVGTGPYQIKD
YKQSRKISLSNFKDYWQGKPKLDHITVTYQEDGNNRVRNLESQKDDLITDVPVNKVQDIENNQNLKVSKESGFRTSLLMY
NHTNKKMTKSVREALDHIIDRQGIADHIYQGYAKPATSPFNDKIPYIKEPKLTKQNIEQAKMLLAKDGYTKEHPLKIKLI
TYDGRPELSKIAQVLQSDAKKANIEIDIKSVDDIEGYLKDRSAWDATMYSFGTIPRGDTGYFFNQAYKKDGAINKGDYNN
SNVDDLINQLNHTVDVKERHNISNDIIKLSSRDVPNSYIAYNDQIVAANSKVKNYKVTPEGIYLIDYRTTIER
;
_entity_poly.pdbx_strand_id   A
#
loop_
_chem_comp.id
_chem_comp.type
_chem_comp.name
_chem_comp.formula
EPE non-polymer '4-(2-HYDROXYETHYL)-1-PIPERAZINE ETHANESULFONIC ACID' 'C8 H18 N2 O4 S'
GOL non-polymer GLYCEROL 'C3 H8 O3'
NI non-polymer 'NICKEL (II) ION' 'Ni 2'
#
# COMPACT_ATOMS: atom_id res chain seq x y z
N GLY A 8 -25.76 5.51 -18.28
CA GLY A 8 -25.63 4.66 -19.46
C GLY A 8 -24.65 3.55 -19.18
N LYS A 9 -23.49 3.57 -19.82
CA LYS A 9 -22.39 2.77 -19.31
C LYS A 9 -21.35 3.68 -18.66
N ASP A 10 -21.82 4.57 -17.81
CA ASP A 10 -20.93 5.38 -17.00
C ASP A 10 -20.82 4.72 -15.64
N LEU A 11 -19.63 4.76 -15.04
CA LEU A 11 -19.43 4.13 -13.74
C LEU A 11 -18.97 5.16 -12.71
N ASN A 12 -19.64 5.22 -11.57
CA ASN A 12 -19.18 6.06 -10.46
C ASN A 12 -18.52 5.23 -9.38
N ILE A 13 -17.31 5.62 -9.03
CA ILE A 13 -16.52 4.95 -8.00
C ILE A 13 -16.25 5.89 -6.83
N SER A 14 -16.38 5.38 -5.61
CA SER A 14 -16.06 6.16 -4.42
C SER A 14 -14.92 5.48 -3.68
N LEU A 15 -13.82 6.21 -3.50
CA LEU A 15 -12.59 5.72 -2.88
C LEU A 15 -12.23 6.53 -1.65
N PRO A 16 -11.57 5.90 -0.66
CA PRO A 16 -10.94 6.66 0.43
C PRO A 16 -9.54 7.15 0.00
N LEU A 17 -8.90 7.97 0.84
CA LEU A 17 -7.49 8.36 0.76
C LEU A 17 -7.23 9.34 -0.39
N LYS A 18 -7.86 10.50 -0.27
CA LYS A 18 -7.75 11.53 -1.29
C LYS A 18 -6.30 11.82 -1.65
N THR A 19 -6.06 12.13 -2.91
CA THR A 19 -4.73 12.42 -3.43
C THR A 19 -4.52 13.93 -3.56
N LYS A 20 -3.27 14.35 -3.66
CA LYS A 20 -2.98 15.67 -4.19
C LYS A 20 -2.59 15.45 -5.65
N SER A 21 -1.29 15.33 -5.94
CA SER A 21 -0.86 14.97 -7.29
C SER A 21 -1.40 13.60 -7.68
N ILE A 22 -1.81 13.40 -8.94
CA ILE A 22 -2.11 12.01 -9.37
C ILE A 22 -1.14 11.54 -10.45
N ALA A 23 0.04 12.13 -10.45
CA ALA A 23 1.16 11.54 -11.19
C ALA A 23 1.30 10.08 -10.73
N PRO A 24 1.52 9.16 -11.67
CA PRO A 24 1.66 7.75 -11.30
C PRO A 24 2.77 7.47 -10.29
N TYR A 25 3.83 8.27 -10.27
CA TYR A 25 4.88 8.08 -9.28
C TYR A 25 4.53 8.69 -7.90
N GLU A 26 3.33 9.27 -7.78
CA GLU A 26 2.92 9.82 -6.47
C GLU A 26 1.86 8.96 -5.81
N THR A 27 1.24 8.07 -6.57
CA THR A 27 0.07 7.35 -6.08
C THR A 27 -0.27 6.19 -6.99
N ASP A 28 -0.83 5.11 -6.44
CA ASP A 28 -1.24 3.97 -7.26
C ASP A 28 -2.64 4.15 -7.84
N VAL A 29 -3.26 5.28 -7.57
CA VAL A 29 -4.62 5.49 -8.08
C VAL A 29 -4.74 5.42 -9.63
N PRO A 30 -3.80 6.01 -10.39
CA PRO A 30 -3.92 5.81 -11.85
C PRO A 30 -3.95 4.35 -12.31
N VAL A 31 -3.22 3.46 -11.65
CA VAL A 31 -3.27 2.04 -12.03
C VAL A 31 -4.60 1.44 -11.58
N LYS A 32 -5.01 1.81 -10.37
CA LYS A 32 -6.25 1.31 -9.80
C LYS A 32 -7.46 1.58 -10.72
N ILE A 33 -7.53 2.78 -11.28
CA ILE A 33 -8.75 3.23 -11.95
C ILE A 33 -8.68 3.03 -13.46
N GLY A 34 -7.59 2.45 -13.95
CA GLY A 34 -7.52 2.01 -15.33
C GLY A 34 -6.86 3.02 -16.25
N ALA A 35 -6.17 4.02 -15.68
CA ALA A 35 -5.51 5.04 -16.49
C ALA A 35 -4.08 4.68 -16.91
N ALA A 36 -3.37 3.94 -16.05
CA ALA A 36 -1.96 3.68 -16.30
C ALA A 36 -1.60 2.22 -16.07
N GLU A 37 -0.47 1.81 -16.62
CA GLU A 37 -0.01 0.41 -16.56
C GLU A 37 1.50 0.38 -16.37
N SER A 38 1.96 -0.59 -15.58
CA SER A 38 3.39 -0.85 -15.44
C SER A 38 3.87 -1.90 -16.45
N LEU A 39 5.19 -2.05 -16.61
CA LEU A 39 5.77 -2.98 -17.62
C LEU A 39 5.38 -4.42 -17.32
N PHE A 40 5.32 -4.69 -16.02
CA PHE A 40 4.97 -6.01 -15.50
C PHE A 40 3.75 -5.86 -14.61
N LYS A 41 3.06 -6.97 -14.34
CA LYS A 41 1.91 -6.93 -13.43
C LYS A 41 1.92 -8.18 -12.57
N THR A 42 1.02 -8.27 -11.59
CA THR A 42 0.78 -9.56 -10.96
C THR A 42 -0.56 -10.06 -11.43
N ASN A 43 -0.68 -11.37 -11.58
CA ASN A 43 -1.96 -11.90 -12.01
C ASN A 43 -2.82 -12.20 -10.79
N ASP A 44 -3.99 -12.81 -11.04
CA ASP A 44 -4.95 -13.02 -9.97
C ASP A 44 -4.41 -13.91 -8.86
N GLN A 45 -3.38 -14.70 -9.14
CA GLN A 45 -2.79 -15.52 -8.08
C GLN A 45 -1.53 -14.89 -7.50
N GLY A 46 -1.30 -13.63 -7.82
CA GLY A 46 -0.18 -12.92 -7.23
C GLY A 46 1.17 -13.15 -7.86
N LYS A 47 1.21 -13.80 -9.03
CA LYS A 47 2.50 -14.04 -9.68
C LYS A 47 2.82 -12.95 -10.73
N ILE A 48 4.11 -12.62 -10.84
CA ILE A 48 4.60 -11.58 -11.72
C ILE A 48 4.50 -12.05 -13.17
N GLU A 49 3.96 -11.20 -14.04
CA GLU A 49 3.73 -11.49 -15.46
C GLU A 49 4.15 -10.28 -16.29
N LYS A 50 4.60 -10.55 -17.51
CA LYS A 50 4.79 -9.49 -18.50
C LYS A 50 3.45 -8.82 -18.78
N ALA A 51 3.43 -7.48 -18.85
CA ALA A 51 2.20 -6.75 -19.18
C ALA A 51 2.41 -5.99 -20.49
N LEU A 52 3.20 -4.94 -20.46
CA LEU A 52 3.54 -4.20 -21.69
C LEU A 52 4.72 -4.83 -22.41
N VAL A 53 5.34 -5.79 -21.76
CA VAL A 53 6.59 -6.38 -22.21
C VAL A 53 6.27 -7.58 -23.10
N LYS A 54 6.93 -7.73 -24.25
CA LYS A 54 6.69 -8.93 -25.08
C LYS A 54 7.60 -10.09 -24.68
N SER A 55 8.85 -9.74 -24.36
CA SER A 55 9.89 -10.71 -24.04
C SER A 55 10.95 -10.05 -23.14
N TYR A 56 11.51 -10.80 -22.21
CA TYR A 56 12.70 -10.27 -21.52
C TYR A 56 13.71 -11.35 -21.22
N HIS A 57 14.94 -10.92 -20.99
CA HIS A 57 16.06 -11.81 -20.74
C HIS A 57 16.95 -11.19 -19.71
N GLN A 58 17.71 -12.03 -19.02
CA GLN A 58 18.65 -11.55 -18.03
C GLN A 58 19.99 -12.27 -18.26
N PRO A 59 20.77 -11.75 -19.21
CA PRO A 59 21.96 -12.47 -19.66
C PRO A 59 23.06 -12.54 -18.61
N ASN A 60 23.01 -11.70 -17.58
CA ASN A 60 23.91 -11.73 -16.42
C ASN A 60 23.21 -10.99 -15.29
N ASP A 61 23.79 -10.92 -14.09
CA ASP A 61 22.96 -10.45 -12.98
C ASP A 61 22.90 -8.94 -12.87
N THR A 62 23.57 -8.23 -13.77
CA THR A 62 23.48 -6.78 -13.80
C THR A 62 22.79 -6.26 -15.08
N THR A 63 22.20 -7.17 -15.87
CA THR A 63 21.61 -6.79 -17.15
C THR A 63 20.19 -7.30 -17.31
N LEU A 64 19.26 -6.40 -17.66
CA LEU A 64 17.89 -6.77 -18.00
C LEU A 64 17.56 -6.30 -19.40
N ASP A 65 17.39 -7.22 -20.35
CA ASP A 65 16.99 -6.85 -21.72
C ASP A 65 15.48 -7.04 -21.92
N ILE A 66 14.80 -6.00 -22.39
CA ILE A 66 13.35 -6.02 -22.56
C ILE A 66 13.00 -5.69 -24.00
N GLU A 67 12.05 -6.44 -24.54
CA GLU A 67 11.43 -6.08 -25.80
C GLU A 67 9.96 -5.76 -25.53
N LEU A 68 9.54 -4.55 -25.92
CA LEU A 68 8.17 -4.11 -25.70
C LEU A 68 7.21 -4.64 -26.77
N LYS A 69 5.96 -4.85 -26.38
CA LYS A 69 4.94 -5.15 -27.38
C LYS A 69 4.90 -4.02 -28.43
N ASP A 70 4.50 -4.35 -29.66
CA ASP A 70 4.61 -3.39 -30.75
C ASP A 70 3.25 -2.74 -31.06
N ASN A 71 2.18 -3.19 -30.43
CA ASN A 71 0.87 -2.66 -30.80
C ASN A 71 0.27 -1.71 -29.77
N ILE A 72 1.11 -1.00 -29.02
CA ILE A 72 0.56 -0.24 -27.88
C ILE A 72 0.73 1.25 -28.05
N LYS A 73 -0.38 1.97 -27.89
CA LYS A 73 -0.35 3.42 -27.88
C LYS A 73 -0.73 4.02 -26.53
N PHE A 74 -0.19 5.20 -26.27
CA PHE A 74 -0.68 6.06 -25.21
C PHE A 74 -2.05 6.61 -25.58
N GLN A 75 -2.77 7.16 -24.60
CA GLN A 75 -4.14 7.62 -24.84
C GLN A 75 -4.19 8.83 -25.78
N ASN A 76 -3.06 9.50 -25.98
CA ASN A 76 -2.99 10.62 -26.94
C ASN A 76 -2.57 10.19 -28.34
N GLY A 77 -2.56 8.88 -28.60
CA GLY A 77 -2.21 8.34 -29.89
C GLY A 77 -0.71 8.09 -30.12
N GLN A 78 0.14 8.50 -29.19
CA GLN A 78 1.58 8.27 -29.36
C GLN A 78 1.94 6.81 -29.11
N LYS A 79 2.84 6.29 -29.91
CA LYS A 79 3.32 4.91 -29.77
C LYS A 79 4.14 4.70 -28.49
N LEU A 80 3.89 3.59 -27.80
CA LEU A 80 4.75 3.15 -26.72
C LEU A 80 6.05 2.52 -27.26
N THR A 81 7.15 3.25 -27.15
CA THR A 81 8.44 2.82 -27.64
C THR A 81 9.38 2.65 -26.47
N ALA A 82 10.54 2.05 -26.71
CA ALA A 82 11.56 1.92 -25.67
C ALA A 82 12.02 3.26 -25.16
N GLU A 83 12.13 4.23 -26.07
CA GLU A 83 12.54 5.59 -25.67
C GLU A 83 11.48 6.24 -24.74
N LYS A 84 10.19 5.99 -24.97
CA LYS A 84 9.17 6.55 -24.08
C LYS A 84 9.23 5.90 -22.70
N VAL A 85 9.49 4.60 -22.68
CA VAL A 85 9.63 3.88 -21.41
C VAL A 85 10.87 4.32 -20.65
N LYS A 86 11.98 4.47 -21.35
CA LYS A 86 13.18 5.05 -20.72
C LYS A 86 12.92 6.41 -20.07
N SER A 87 12.28 7.34 -20.78
CA SER A 87 12.10 8.66 -20.19
C SER A 87 11.08 8.62 -19.03
N SER A 88 10.05 7.79 -19.13
CA SER A 88 9.10 7.60 -18.03
C SER A 88 9.77 7.10 -16.74
N LEU A 89 10.52 6.00 -16.85
CA LEU A 89 11.23 5.44 -15.69
C LEU A 89 12.23 6.44 -15.12
N GLU A 90 12.94 7.12 -16.00
CA GLU A 90 13.95 8.06 -15.51
C GLU A 90 13.29 9.23 -14.82
N ASN A 91 12.19 9.73 -15.39
CA ASN A 91 11.45 10.80 -14.73
C ASN A 91 10.92 10.36 -13.38
N SER A 92 10.28 9.19 -13.32
CA SER A 92 9.74 8.71 -12.05
C SER A 92 10.83 8.53 -11.00
N MET A 93 12.00 8.03 -11.38
CA MET A 93 13.10 7.89 -10.42
C MET A 93 13.57 9.25 -9.86
N LYS A 94 13.56 10.24 -10.74
CA LYS A 94 13.99 11.59 -10.40
C LYS A 94 13.03 12.29 -9.46
N LYS A 95 11.75 12.00 -9.58
CA LYS A 95 10.74 12.77 -8.87
C LYS A 95 10.25 12.06 -7.64
N SER A 96 10.61 10.79 -7.46
CA SER A 96 10.03 10.01 -6.35
C SER A 96 11.08 9.21 -5.58
N ASP A 97 11.14 9.40 -4.27
CA ASP A 97 12.05 8.60 -3.44
C ASP A 97 11.63 7.13 -3.44
N LEU A 98 10.33 6.89 -3.41
CA LEU A 98 9.85 5.51 -3.43
C LEU A 98 10.39 4.79 -4.68
N VAL A 99 10.12 5.36 -5.84
CA VAL A 99 10.60 4.76 -7.08
C VAL A 99 12.11 4.62 -7.07
N LYS A 100 12.79 5.70 -6.68
CA LYS A 100 14.23 5.73 -6.69
C LYS A 100 14.81 4.63 -5.82
N TYR A 101 14.27 4.45 -4.62
CA TYR A 101 14.91 3.44 -3.76
C TYR A 101 14.53 2.00 -4.15
N SER A 102 13.42 1.83 -4.88
CA SER A 102 13.05 0.51 -5.38
C SER A 102 13.78 0.14 -6.67
N LEU A 103 14.28 1.13 -7.41
CA LEU A 103 14.95 0.85 -8.68
C LEU A 103 16.38 1.36 -8.72
N PRO A 104 17.35 0.58 -8.23
CA PRO A 104 18.75 1.00 -8.28
C PRO A 104 19.33 0.80 -9.69
N ILE A 105 18.74 1.47 -10.67
CA ILE A 105 19.17 1.36 -12.07
C ILE A 105 20.36 2.27 -12.30
N SER A 106 21.44 1.75 -12.90
CA SER A 106 22.61 2.56 -13.20
C SER A 106 22.57 3.19 -14.59
N SER A 107 21.91 2.52 -15.54
CA SER A 107 21.74 3.11 -16.89
C SER A 107 20.63 2.42 -17.64
N ILE A 108 20.08 3.12 -18.63
CA ILE A 108 19.06 2.57 -19.52
C ILE A 108 19.44 2.96 -20.94
N THR A 109 19.45 1.99 -21.86
CA THR A 109 19.58 2.36 -23.27
C THR A 109 18.38 1.85 -24.00
N ALA A 110 18.00 2.55 -25.06
CA ALA A 110 16.76 2.25 -25.76
C ALA A 110 16.93 2.43 -27.26
N LYS A 111 16.33 1.55 -28.05
CA LYS A 111 16.27 1.69 -29.51
C LYS A 111 15.09 0.89 -30.03
N GLY A 112 14.19 1.54 -30.75
CA GLY A 112 13.02 0.85 -31.30
C GLY A 112 12.13 0.39 -30.15
N GLN A 113 11.81 -0.90 -30.14
CA GLN A 113 11.06 -1.47 -29.02
C GLN A 113 11.93 -2.12 -27.94
N LYS A 114 13.25 -2.00 -28.04
CA LYS A 114 14.10 -2.70 -27.09
C LYS A 114 14.79 -1.75 -26.14
N LEU A 115 14.79 -2.11 -24.87
CA LEU A 115 15.58 -1.32 -23.92
C LEU A 115 16.42 -2.26 -23.11
N THR A 116 17.54 -1.75 -22.63
CA THR A 116 18.41 -2.49 -21.75
C THR A 116 18.60 -1.74 -20.45
N ILE A 117 18.32 -2.42 -19.33
CA ILE A 117 18.45 -1.83 -18.01
C ILE A 117 19.61 -2.51 -17.28
N LYS A 118 20.53 -1.68 -16.78
CA LYS A 118 21.69 -2.14 -16.02
C LYS A 118 21.63 -1.69 -14.57
N THR A 119 22.22 -2.51 -13.69
CA THR A 119 22.40 -2.18 -12.29
C THR A 119 23.90 -2.28 -12.04
N ASN A 120 24.39 -1.71 -10.95
CA ASN A 120 25.81 -1.85 -10.66
C ASN A 120 26.11 -3.20 -10.01
N SER A 121 25.16 -3.74 -9.24
CA SER A 121 25.29 -5.10 -8.72
C SER A 121 23.98 -5.87 -8.81
N ALA A 122 23.99 -7.15 -8.46
CA ALA A 122 22.79 -7.97 -8.62
C ALA A 122 21.65 -7.45 -7.75
N TYR A 123 20.48 -7.26 -8.38
N TYR A 123 20.50 -7.24 -8.38
CA TYR A 123 19.27 -6.85 -7.68
CA TYR A 123 19.28 -6.86 -7.67
C TYR A 123 18.14 -7.69 -8.24
C TYR A 123 18.14 -7.69 -8.24
N PRO A 124 17.97 -8.90 -7.71
CA PRO A 124 16.99 -9.86 -8.22
C PRO A 124 15.57 -9.36 -8.18
N GLU A 125 15.25 -8.43 -7.26
CA GLU A 125 13.89 -7.92 -7.12
C GLU A 125 13.57 -6.84 -8.17
N LEU A 126 14.49 -6.57 -9.09
CA LEU A 126 14.26 -5.49 -10.06
C LEU A 126 13.00 -5.70 -10.91
N VAL A 127 12.90 -6.87 -11.53
CA VAL A 127 11.73 -7.14 -12.37
C VAL A 127 10.45 -6.99 -11.56
N SER A 128 10.45 -7.53 -10.34
N SER A 128 10.43 -7.52 -10.35
CA SER A 128 9.26 -7.47 -9.51
CA SER A 128 9.20 -7.44 -9.56
C SER A 128 8.87 -6.00 -9.24
C SER A 128 8.86 -5.99 -9.25
N GLU A 129 9.85 -5.14 -9.01
CA GLU A 129 9.57 -3.74 -8.73
C GLU A 129 9.17 -2.97 -10.00
N LEU A 130 9.45 -3.49 -11.18
CA LEU A 130 8.92 -2.85 -12.37
C LEU A 130 7.44 -3.18 -12.56
N ALA A 131 6.88 -4.04 -11.69
CA ALA A 131 5.42 -4.25 -11.65
C ALA A 131 4.75 -3.30 -10.67
N ASN A 132 5.55 -2.60 -9.86
CA ASN A 132 5.02 -1.63 -8.89
C ASN A 132 4.18 -0.53 -9.60
N PRO A 133 2.97 -0.24 -9.09
CA PRO A 133 2.14 0.76 -9.78
C PRO A 133 2.77 2.16 -9.78
N PHE A 134 3.66 2.43 -8.84
CA PHE A 134 4.35 3.73 -8.86
C PHE A 134 5.29 3.83 -10.04
N MET A 135 5.55 2.69 -10.67
CA MET A 135 6.43 2.67 -11.84
C MET A 135 5.63 2.61 -13.14
N ALA A 136 4.34 2.91 -13.07
CA ALA A 136 3.49 2.90 -14.28
C ALA A 136 4.05 3.85 -15.32
N ILE A 137 3.85 3.53 -16.58
CA ILE A 137 4.42 4.27 -17.70
C ILE A 137 3.47 5.36 -18.19
N TYR A 138 4.01 6.57 -18.35
CA TYR A 138 3.23 7.69 -18.88
C TYR A 138 4.06 8.42 -19.95
N ASP A 139 3.40 9.24 -20.76
CA ASP A 139 4.05 10.00 -21.83
C ASP A 139 4.71 11.26 -21.27
N THR A 140 6.04 11.28 -21.18
CA THR A 140 6.72 12.42 -20.56
C THR A 140 6.73 13.63 -21.51
N ASP A 141 6.39 13.41 -22.77
CA ASP A 141 6.31 14.50 -23.73
C ASP A 141 4.90 15.03 -23.88
N ALA A 142 3.96 14.55 -23.06
CA ALA A 142 2.58 15.01 -23.24
C ALA A 142 2.51 16.47 -22.82
N LYS A 143 1.73 17.24 -23.56
CA LYS A 143 1.62 18.66 -23.27
C LYS A 143 0.46 18.87 -22.32
N SER A 144 0.55 18.22 -21.16
CA SER A 144 -0.36 18.49 -20.05
C SER A 144 0.41 18.21 -18.76
N ASP A 145 -0.17 18.63 -17.66
CA ASP A 145 0.46 18.52 -16.36
C ASP A 145 0.31 17.08 -15.84
N VAL A 146 1.42 16.37 -15.67
CA VAL A 146 1.36 14.96 -15.28
C VAL A 146 0.74 14.79 -13.89
N ASN A 147 0.79 15.87 -13.10
CA ASN A 147 0.20 15.86 -11.76
C ASN A 147 -1.31 15.92 -11.76
N GLN A 148 -1.89 16.27 -12.91
CA GLN A 148 -3.34 16.42 -13.06
C GLN A 148 -3.96 15.47 -14.07
N THR A 149 -3.36 15.38 -15.26
CA THR A 149 -3.90 14.50 -16.29
C THR A 149 -2.76 13.79 -16.97
N PRO A 150 -2.14 12.85 -16.25
CA PRO A 150 -1.08 12.07 -16.87
C PRO A 150 -1.63 11.28 -18.04
N VAL A 151 -0.81 11.04 -19.05
CA VAL A 151 -1.22 10.26 -20.19
C VAL A 151 -0.63 8.86 -20.13
N GLY A 152 -1.48 7.83 -19.97
CA GLY A 152 -1.03 6.45 -19.82
C GLY A 152 -1.44 5.58 -20.99
N THR A 153 -1.21 4.28 -20.85
CA THR A 153 -1.59 3.31 -21.86
C THR A 153 -2.86 2.56 -21.49
N GLY A 154 -3.43 2.89 -20.32
CA GLY A 154 -4.57 2.16 -19.79
C GLY A 154 -5.88 2.39 -20.53
N PRO A 155 -6.92 1.58 -20.24
CA PRO A 155 -8.18 1.67 -20.99
C PRO A 155 -8.98 2.96 -20.74
N TYR A 156 -8.70 3.72 -19.68
CA TYR A 156 -9.45 4.97 -19.47
C TYR A 156 -8.54 6.16 -19.28
N GLN A 157 -8.73 7.18 -20.12
CA GLN A 157 -7.86 8.35 -20.04
C GLN A 157 -8.43 9.36 -19.06
N ILE A 158 -7.57 9.87 -18.20
CA ILE A 158 -7.93 10.96 -17.30
C ILE A 158 -8.16 12.25 -18.10
N LYS A 159 -9.37 12.79 -18.01
CA LYS A 159 -9.77 13.95 -18.80
C LYS A 159 -9.83 15.21 -17.95
N ASP A 160 -10.15 15.07 -16.67
CA ASP A 160 -10.27 16.21 -15.77
C ASP A 160 -9.94 15.76 -14.34
N TYR A 161 -9.25 16.62 -13.59
CA TYR A 161 -8.98 16.32 -12.17
C TYR A 161 -9.27 17.53 -11.31
N LYS A 162 -10.23 17.39 -10.40
CA LYS A 162 -10.46 18.42 -9.37
C LYS A 162 -9.64 17.98 -8.16
N GLN A 163 -8.58 18.71 -7.83
CA GLN A 163 -7.58 18.22 -6.88
C GLN A 163 -8.22 17.76 -5.56
N SER A 164 -7.90 16.54 -5.15
CA SER A 164 -8.33 15.93 -3.88
C SER A 164 -9.81 15.63 -3.82
N ARG A 165 -10.50 15.68 -4.96
CA ARG A 165 -11.96 15.54 -4.96
C ARG A 165 -12.48 14.57 -6.00
N LYS A 166 -12.14 14.79 -7.27
CA LYS A 166 -12.82 14.05 -8.33
C LYS A 166 -11.95 13.86 -9.55
N ILE A 167 -11.98 12.64 -10.09
CA ILE A 167 -11.28 12.34 -11.34
C ILE A 167 -12.30 11.91 -12.39
N SER A 168 -12.25 12.50 -13.57
CA SER A 168 -13.13 12.13 -14.68
C SER A 168 -12.33 11.43 -15.75
N LEU A 169 -12.79 10.25 -16.17
CA LEU A 169 -12.06 9.50 -17.19
C LEU A 169 -12.98 9.08 -18.34
N SER A 170 -12.38 8.93 -19.51
CA SER A 170 -13.13 8.52 -20.69
C SER A 170 -12.50 7.32 -21.36
N ASN A 171 -13.35 6.49 -21.96
CA ASN A 171 -12.95 5.35 -22.76
C ASN A 171 -11.83 5.71 -23.75
N PHE A 172 -10.70 5.00 -23.68
CA PHE A 172 -9.67 5.08 -24.73
C PHE A 172 -9.93 3.94 -25.72
N LYS A 173 -10.48 4.29 -26.86
CA LYS A 173 -11.04 3.26 -27.72
C LYS A 173 -9.97 2.40 -28.40
N ASP A 174 -8.75 2.94 -28.53
CA ASP A 174 -7.66 2.17 -29.13
C ASP A 174 -6.80 1.41 -28.11
N TYR A 175 -7.36 1.20 -26.93
CA TYR A 175 -6.66 0.44 -25.89
C TYR A 175 -6.14 -0.89 -26.42
N TRP A 176 -4.88 -1.20 -26.14
CA TRP A 176 -4.20 -2.31 -26.81
C TRP A 176 -4.82 -3.73 -26.59
N GLN A 177 -5.44 -3.99 -25.45
CA GLN A 177 -5.98 -5.34 -25.21
C GLN A 177 -7.38 -5.59 -25.79
N GLY A 178 -8.12 -4.53 -26.04
CA GLY A 178 -9.49 -4.68 -26.50
C GLY A 178 -10.24 -3.40 -26.23
N LYS A 179 -11.43 -3.26 -26.81
CA LYS A 179 -12.21 -2.05 -26.61
C LYS A 179 -12.71 -2.06 -25.19
N PRO A 180 -12.38 -1.02 -24.41
CA PRO A 180 -12.88 -0.96 -23.03
C PRO A 180 -14.40 -0.88 -23.01
N LYS A 181 -15.02 -1.36 -21.94
CA LYS A 181 -16.46 -1.61 -21.94
C LYS A 181 -17.32 -0.53 -21.32
N LEU A 182 -16.69 0.52 -20.77
CA LEU A 182 -17.43 1.64 -20.20
C LEU A 182 -17.20 2.88 -21.04
N ASP A 183 -18.12 3.82 -20.99
CA ASP A 183 -17.94 5.09 -21.69
C ASP A 183 -17.14 6.08 -20.85
N HIS A 184 -17.57 6.25 -19.61
CA HIS A 184 -16.98 7.21 -18.69
C HIS A 184 -16.88 6.59 -17.30
N ILE A 185 -15.89 7.05 -16.55
CA ILE A 185 -15.73 6.69 -15.15
C ILE A 185 -15.59 7.99 -14.40
N THR A 186 -16.27 8.08 -13.26
CA THR A 186 -16.08 9.22 -12.36
C THR A 186 -15.62 8.69 -11.01
N VAL A 187 -14.50 9.21 -10.53
CA VAL A 187 -13.97 8.75 -9.26
C VAL A 187 -14.06 9.91 -8.28
N THR A 188 -14.67 9.68 -7.12
CA THR A 188 -14.71 10.75 -6.11
C THR A 188 -14.19 10.22 -4.77
N TYR A 189 -13.58 11.11 -4.00
CA TYR A 189 -13.01 10.69 -2.73
C TYR A 189 -14.00 10.92 -1.61
N GLN A 190 -14.11 9.93 -0.74
CA GLN A 190 -14.94 10.04 0.45
C GLN A 190 -14.20 9.29 1.58
N GLU A 191 -13.74 10.00 2.61
CA GLU A 191 -12.88 9.34 3.61
C GLU A 191 -13.69 8.47 4.58
N ASP A 192 -14.93 8.86 4.81
CA ASP A 192 -15.77 8.18 5.82
C ASP A 192 -16.40 6.92 5.21
N GLY A 193 -16.06 5.76 5.76
CA GLY A 193 -16.59 4.50 5.22
C GLY A 193 -18.11 4.43 5.22
N ASN A 194 -18.74 4.99 6.26
CA ASN A 194 -20.21 4.95 6.31
C ASN A 194 -20.83 5.80 5.23
N ASN A 195 -20.21 6.92 4.90
CA ASN A 195 -20.73 7.70 3.79
C ASN A 195 -20.57 6.99 2.46
N ARG A 196 -19.46 6.25 2.27
CA ARG A 196 -19.29 5.47 1.03
C ARG A 196 -20.44 4.47 0.87
N VAL A 197 -20.79 3.81 1.96
CA VAL A 197 -21.88 2.83 1.90
C VAL A 197 -23.21 3.53 1.61
N ARG A 198 -23.46 4.67 2.24
CA ARG A 198 -24.69 5.41 1.98
C ARG A 198 -24.73 5.87 0.52
N ASN A 199 -23.58 6.28 -0.03
CA ASN A 199 -23.53 6.65 -1.43
C ASN A 199 -23.88 5.46 -2.34
N LEU A 200 -23.38 4.28 -1.99
CA LEU A 200 -23.68 3.07 -2.76
C LEU A 200 -25.20 2.71 -2.68
N GLU A 201 -25.73 2.74 -1.45
CA GLU A 201 -27.14 2.39 -1.22
C GLU A 201 -28.09 3.35 -1.92
N SER A 202 -27.73 4.61 -1.99
CA SER A 202 -28.57 5.61 -2.64
C SER A 202 -28.24 5.73 -4.14
N GLN A 203 -27.36 4.88 -4.63
CA GLN A 203 -26.97 4.83 -6.04
C GLN A 203 -26.28 6.09 -6.58
N LYS A 204 -25.76 6.93 -5.69
CA LYS A 204 -24.88 8.03 -6.10
C LYS A 204 -23.56 7.44 -6.62
N ASP A 205 -23.13 6.33 -6.03
CA ASP A 205 -21.99 5.59 -6.55
C ASP A 205 -22.33 4.14 -6.83
N ASP A 206 -21.54 3.54 -7.71
CA ASP A 206 -21.76 2.18 -8.19
C ASP A 206 -20.75 1.17 -7.65
N LEU A 207 -19.64 1.67 -7.12
CA LEU A 207 -18.53 0.80 -6.72
C LEU A 207 -17.71 1.52 -5.65
N ILE A 208 -17.45 0.83 -4.53
CA ILE A 208 -16.78 1.46 -3.40
C ILE A 208 -15.78 0.48 -2.83
N THR A 209 -14.71 1.00 -2.23
CA THR A 209 -13.75 0.11 -1.59
C THR A 209 -13.69 0.38 -0.10
N ASP A 210 -12.95 -0.46 0.62
CA ASP A 210 -12.75 -0.33 2.06
C ASP A 210 -14.07 -0.18 2.82
N VAL A 211 -14.96 -1.11 2.56
CA VAL A 211 -16.23 -1.16 3.27
C VAL A 211 -16.05 -1.42 4.77
N PRO A 212 -16.67 -0.59 5.63
CA PRO A 212 -16.59 -0.89 7.06
C PRO A 212 -17.19 -2.26 7.36
N VAL A 213 -16.54 -3.03 8.22
CA VAL A 213 -16.98 -4.40 8.46
C VAL A 213 -18.43 -4.42 9.00
N ASN A 214 -18.82 -3.40 9.74
CA ASN A 214 -20.16 -3.43 10.32
C ASN A 214 -21.27 -3.07 9.33
N LYS A 215 -20.91 -2.79 8.07
CA LYS A 215 -21.94 -2.60 7.05
C LYS A 215 -22.07 -3.78 6.09
N VAL A 216 -21.22 -4.80 6.23
CA VAL A 216 -21.20 -5.87 5.25
C VAL A 216 -22.54 -6.58 5.17
N GLN A 217 -23.15 -6.84 6.34
CA GLN A 217 -24.42 -7.55 6.39
C GLN A 217 -25.55 -6.75 5.71
N ASP A 218 -25.58 -5.46 5.98
CA ASP A 218 -26.57 -4.57 5.38
C ASP A 218 -26.46 -4.57 3.86
N ILE A 219 -25.23 -4.57 3.35
CA ILE A 219 -25.04 -4.63 1.89
C ILE A 219 -25.40 -6.02 1.35
N GLU A 220 -25.01 -7.05 2.08
CA GLU A 220 -25.32 -8.45 1.71
C GLU A 220 -26.84 -8.67 1.60
N ASN A 221 -27.60 -8.03 2.48
CA ASN A 221 -29.05 -8.25 2.48
C ASN A 221 -29.71 -7.55 1.30
N ASN A 222 -29.03 -6.55 0.74
CA ASN A 222 -29.59 -5.77 -0.37
C ASN A 222 -29.42 -6.49 -1.70
N GLN A 223 -30.54 -6.83 -2.35
CA GLN A 223 -30.44 -7.59 -3.60
C GLN A 223 -29.88 -6.75 -4.76
N ASN A 224 -29.95 -5.43 -4.65
CA ASN A 224 -29.36 -4.54 -5.65
C ASN A 224 -27.83 -4.38 -5.55
N LEU A 225 -27.24 -4.96 -4.50
CA LEU A 225 -25.81 -4.78 -4.21
C LEU A 225 -25.10 -6.11 -4.04
N LYS A 226 -23.78 -6.09 -4.14
CA LYS A 226 -23.02 -7.28 -3.82
C LYS A 226 -21.71 -6.91 -3.12
N VAL A 227 -21.24 -7.80 -2.26
CA VAL A 227 -19.99 -7.57 -1.54
C VAL A 227 -18.98 -8.61 -1.98
N SER A 228 -17.77 -8.19 -2.26
CA SER A 228 -16.68 -9.11 -2.58
C SER A 228 -15.61 -8.96 -1.50
N LYS A 229 -15.11 -10.07 -0.94
CA LYS A 229 -13.98 -9.92 -0.02
C LYS A 229 -12.78 -10.77 -0.42
N GLU A 230 -11.61 -10.31 0.02
CA GLU A 230 -10.35 -10.94 -0.30
C GLU A 230 -9.40 -10.80 0.88
N SER A 231 -8.81 -11.91 1.34
CA SER A 231 -7.92 -11.87 2.49
C SER A 231 -6.68 -11.00 2.24
N GLY A 232 -6.09 -11.12 1.05
CA GLY A 232 -5.03 -10.21 0.67
C GLY A 232 -3.83 -10.05 1.60
N PHE A 233 -3.13 -8.93 1.45
CA PHE A 233 -1.82 -8.74 2.06
C PHE A 233 -1.64 -7.32 2.62
N ARG A 234 -2.69 -6.82 3.24
CA ARG A 234 -2.64 -5.50 3.89
C ARG A 234 -2.64 -5.70 5.40
N THR A 235 -1.82 -4.93 6.06
CA THR A 235 -1.63 -5.11 7.51
C THR A 235 -1.93 -3.78 8.21
N SER A 236 -2.73 -3.81 9.28
N SER A 236 -2.75 -3.83 9.26
CA SER A 236 -2.92 -2.62 10.05
CA SER A 236 -2.98 -2.66 10.09
C SER A 236 -1.98 -2.64 11.22
C SER A 236 -1.97 -2.65 11.22
N LEU A 237 -1.55 -1.46 11.65
CA LEU A 237 -0.53 -1.35 12.66
C LEU A 237 -0.62 -0.07 13.44
N LEU A 238 0.16 -0.06 14.51
CA LEU A 238 0.47 1.14 15.28
C LEU A 238 1.92 1.50 14.96
N MET A 239 2.14 2.64 14.34
CA MET A 239 3.47 3.01 13.90
C MET A 239 4.07 4.02 14.87
N TYR A 240 5.29 3.77 15.34
CA TYR A 240 5.91 4.67 16.34
C TYR A 240 6.83 5.72 15.69
N ASN A 241 6.92 6.88 16.31
CA ASN A 241 7.81 7.95 15.83
C ASN A 241 9.13 7.81 16.56
N HIS A 242 10.14 7.23 15.91
CA HIS A 242 11.41 6.96 16.59
C HIS A 242 12.26 8.20 16.78
N THR A 243 11.87 9.32 16.17
CA THR A 243 12.63 10.57 16.35
C THR A 243 12.27 11.26 17.65
N ASN A 244 11.20 10.81 18.30
CA ASN A 244 10.87 11.36 19.61
C ASN A 244 11.49 10.50 20.70
N LYS A 245 12.40 11.09 21.46
CA LYS A 245 13.13 10.36 22.47
C LYS A 245 12.26 9.70 23.55
N LYS A 246 11.05 10.19 23.80
CA LYS A 246 10.25 9.48 24.80
C LYS A 246 9.76 8.11 24.30
N MET A 247 9.75 7.91 22.99
CA MET A 247 9.26 6.64 22.44
C MET A 247 10.31 5.52 22.52
N THR A 248 10.74 5.26 23.74
CA THR A 248 11.79 4.27 24.03
C THR A 248 11.31 2.87 23.74
N LYS A 249 12.23 1.92 23.80
CA LYS A 249 11.87 0.54 23.59
C LYS A 249 10.89 0.07 24.67
N SER A 250 11.06 0.55 25.89
CA SER A 250 10.10 0.20 26.94
C SER A 250 8.70 0.71 26.64
N VAL A 251 8.62 1.91 26.07
CA VAL A 251 7.33 2.48 25.71
C VAL A 251 6.67 1.72 24.57
N ARG A 252 7.45 1.34 23.56
CA ARG A 252 6.90 0.59 22.42
C ARG A 252 6.46 -0.79 22.84
N GLU A 253 7.25 -1.43 23.68
CA GLU A 253 6.84 -2.73 24.24
C GLU A 253 5.58 -2.63 25.10
N ALA A 254 5.49 -1.56 25.88
CA ALA A 254 4.31 -1.36 26.72
C ALA A 254 3.08 -1.27 25.85
N LEU A 255 3.12 -0.37 24.85
CA LEU A 255 1.98 -0.21 23.96
C LEU A 255 1.68 -1.49 23.20
N ASP A 256 2.72 -2.22 22.79
CA ASP A 256 2.52 -3.50 22.13
C ASP A 256 1.69 -4.45 23.03
N HIS A 257 1.85 -4.33 24.34
CA HIS A 257 1.09 -5.22 25.26
C HIS A 257 -0.27 -4.67 25.69
N ILE A 258 -0.57 -3.43 25.32
CA ILE A 258 -1.90 -2.88 25.61
C ILE A 258 -2.88 -3.27 24.51
N ILE A 259 -2.34 -3.53 23.33
CA ILE A 259 -3.12 -4.02 22.21
C ILE A 259 -3.66 -5.43 22.48
N ASP A 260 -4.95 -5.65 22.23
CA ASP A 260 -5.55 -6.98 22.30
C ASP A 260 -5.85 -7.46 20.89
N ARG A 261 -4.87 -8.11 20.26
CA ARG A 261 -4.98 -8.47 18.84
C ARG A 261 -6.13 -9.43 18.57
N GLN A 262 -6.27 -10.43 19.43
CA GLN A 262 -7.33 -11.42 19.24
C GLN A 262 -8.70 -10.74 19.34
N GLY A 263 -8.85 -9.89 20.35
CA GLY A 263 -10.10 -9.17 20.56
C GLY A 263 -10.42 -8.24 19.42
N ILE A 264 -9.37 -7.63 18.86
CA ILE A 264 -9.56 -6.71 17.75
C ILE A 264 -10.03 -7.46 16.50
N ALA A 265 -9.39 -8.58 16.20
CA ALA A 265 -9.74 -9.40 15.05
C ALA A 265 -11.17 -9.93 15.12
N ASP A 266 -11.61 -10.32 16.32
CA ASP A 266 -12.95 -10.85 16.56
C ASP A 266 -14.07 -9.82 16.60
N HIS A 267 -13.84 -8.70 17.28
CA HIS A 267 -14.93 -7.78 17.57
C HIS A 267 -14.86 -6.49 16.77
N ILE A 268 -13.66 -6.02 16.46
CA ILE A 268 -13.58 -4.81 15.67
C ILE A 268 -13.60 -5.20 14.19
N TYR A 269 -12.84 -6.21 13.79
CA TYR A 269 -12.90 -6.65 12.40
C TYR A 269 -13.98 -7.70 12.18
N GLN A 270 -14.66 -8.06 13.27
CA GLN A 270 -15.75 -9.03 13.24
C GLN A 270 -15.38 -10.26 12.43
N GLY A 271 -14.16 -10.75 12.65
CA GLY A 271 -13.67 -11.92 11.94
C GLY A 271 -13.14 -11.73 10.51
N TYR A 272 -13.20 -10.51 9.98
CA TYR A 272 -12.59 -10.26 8.65
C TYR A 272 -11.10 -9.93 8.73
N ALA A 273 -10.43 -10.45 9.75
CA ALA A 273 -8.99 -10.24 9.91
C ALA A 273 -8.44 -11.31 10.81
N LYS A 274 -7.11 -11.43 10.80
CA LYS A 274 -6.40 -12.32 11.70
C LYS A 274 -5.41 -11.49 12.48
N PRO A 275 -5.20 -11.82 13.76
CA PRO A 275 -4.18 -11.17 14.59
C PRO A 275 -2.79 -11.24 13.94
N ALA A 276 -2.09 -10.12 13.95
CA ALA A 276 -0.79 -10.04 13.30
C ALA A 276 0.39 -10.12 14.28
N THR A 277 1.53 -10.58 13.76
CA THR A 277 2.77 -10.58 14.52
C THR A 277 3.84 -9.81 13.75
N SER A 278 4.12 -10.25 12.53
CA SER A 278 5.11 -9.55 11.70
C SER A 278 4.35 -8.67 10.68
N PRO A 279 5.06 -7.93 9.83
CA PRO A 279 4.34 -7.20 8.78
C PRO A 279 3.53 -8.08 7.83
N PHE A 280 3.89 -9.37 7.76
CA PHE A 280 3.48 -10.22 6.63
C PHE A 280 2.47 -11.27 7.02
N ASN A 281 1.41 -11.38 6.23
CA ASN A 281 0.35 -12.35 6.46
C ASN A 281 0.91 -13.77 6.66
N ASP A 282 0.46 -14.44 7.71
CA ASP A 282 1.00 -15.77 8.01
C ASP A 282 0.54 -16.82 7.02
N LYS A 283 -0.30 -16.44 6.07
CA LYS A 283 -0.70 -17.37 5.04
C LYS A 283 0.42 -17.52 3.99
N ILE A 284 1.44 -16.66 4.06
CA ILE A 284 2.63 -16.88 3.26
C ILE A 284 3.45 -17.98 3.90
N PRO A 285 3.66 -19.09 3.17
CA PRO A 285 4.16 -20.33 3.77
C PRO A 285 5.56 -20.27 4.36
N TYR A 286 6.46 -19.48 3.78
CA TYR A 286 7.84 -19.51 4.25
C TYR A 286 8.16 -18.56 5.40
N ILE A 287 7.22 -17.69 5.74
CA ILE A 287 7.44 -16.73 6.81
C ILE A 287 7.43 -17.41 8.17
N LYS A 288 8.46 -17.18 8.97
CA LYS A 288 8.44 -17.61 10.36
C LYS A 288 8.03 -16.44 11.24
N GLU A 289 6.77 -16.47 11.69
CA GLU A 289 6.22 -15.39 12.49
C GLU A 289 6.80 -15.38 13.89
N PRO A 290 7.02 -14.18 14.45
CA PRO A 290 7.34 -14.11 15.87
C PRO A 290 6.15 -14.54 16.70
N LYS A 291 6.39 -14.72 18.00
CA LYS A 291 5.35 -15.14 18.93
C LYS A 291 4.21 -14.11 19.00
N LEU A 292 2.96 -14.56 19.06
CA LEU A 292 1.84 -13.64 19.19
C LEU A 292 1.85 -12.93 20.54
N THR A 293 1.83 -11.61 20.54
CA THR A 293 1.78 -10.87 21.80
C THR A 293 0.33 -10.82 22.29
N LYS A 294 0.09 -11.26 23.51
CA LYS A 294 -1.26 -11.23 24.06
C LYS A 294 -1.38 -10.06 25.03
N GLN A 295 -2.54 -9.42 25.08
CA GLN A 295 -2.70 -8.23 25.93
C GLN A 295 -2.30 -8.51 27.37
N ASN A 296 -1.49 -7.63 27.94
CA ASN A 296 -1.05 -7.79 29.32
C ASN A 296 -0.86 -6.44 29.96
N ILE A 297 -1.90 -5.95 30.63
CA ILE A 297 -1.88 -4.59 31.14
C ILE A 297 -0.86 -4.43 32.25
N GLU A 298 -0.76 -5.46 33.10
CA GLU A 298 0.20 -5.38 34.20
C GLU A 298 1.62 -5.27 33.66
N GLN A 299 1.94 -6.07 32.66
CA GLN A 299 3.28 -6.02 32.09
C GLN A 299 3.52 -4.63 31.49
N ALA A 300 2.49 -4.04 30.87
CA ALA A 300 2.66 -2.70 30.29
C ALA A 300 2.95 -1.68 31.38
N LYS A 301 2.21 -1.75 32.48
CA LYS A 301 2.42 -0.87 33.62
C LYS A 301 3.83 -1.01 34.16
N MET A 302 4.29 -2.26 34.26
CA MET A 302 5.63 -2.55 34.74
C MET A 302 6.68 -1.89 33.84
N LEU A 303 6.62 -2.18 32.55
CA LEU A 303 7.55 -1.62 31.57
C LEU A 303 7.59 -0.10 31.66
N LEU A 304 6.43 0.52 31.84
CA LEU A 304 6.36 1.99 31.90
C LEU A 304 7.01 2.54 33.15
N ALA A 305 6.91 1.80 34.25
CA ALA A 305 7.63 2.15 35.48
C ALA A 305 9.15 2.28 35.25
N LYS A 306 9.72 1.45 34.37
CA LYS A 306 11.14 1.53 34.00
C LYS A 306 11.59 2.93 33.57
N ASP A 307 10.70 3.62 32.86
CA ASP A 307 10.98 4.99 32.41
C ASP A 307 10.39 6.01 33.39
N GLY A 308 9.81 5.53 34.48
CA GLY A 308 9.36 6.43 35.53
C GLY A 308 7.95 6.98 35.42
N TYR A 309 7.09 6.32 34.63
CA TYR A 309 5.70 6.75 34.51
C TYR A 309 4.79 6.08 35.54
N THR A 310 3.85 6.84 36.09
CA THR A 310 2.95 6.33 37.13
C THR A 310 1.56 6.93 36.97
N LYS A 311 0.63 6.54 37.84
CA LYS A 311 -0.72 7.11 37.76
C LYS A 311 -0.67 8.60 37.98
N GLU A 312 0.26 9.04 38.82
N GLU A 312 0.27 9.03 38.82
CA GLU A 312 0.40 10.47 39.11
CA GLU A 312 0.42 10.45 39.13
C GLU A 312 1.07 11.20 37.97
C GLU A 312 1.10 11.21 38.01
N HIS A 313 2.02 10.55 37.32
CA HIS A 313 2.77 11.17 36.22
C HIS A 313 2.77 10.23 35.02
N PRO A 314 1.65 10.19 34.28
CA PRO A 314 1.45 9.19 33.24
C PRO A 314 2.23 9.55 31.99
N LEU A 315 2.47 8.56 31.15
CA LEU A 315 2.96 8.85 29.82
C LEU A 315 1.84 9.49 28.98
N LYS A 316 2.15 10.59 28.29
CA LYS A 316 1.19 11.19 27.38
C LYS A 316 1.60 10.90 25.96
N ILE A 317 0.64 10.43 25.16
CA ILE A 317 0.87 10.03 23.77
C ILE A 317 -0.09 10.72 22.84
N LYS A 318 0.42 11.41 21.83
CA LYS A 318 -0.41 11.93 20.76
C LYS A 318 -0.48 10.91 19.62
N LEU A 319 -1.67 10.34 19.43
CA LEU A 319 -1.89 9.28 18.48
C LEU A 319 -2.72 9.78 17.31
N ILE A 320 -2.19 9.63 16.09
CA ILE A 320 -2.88 10.10 14.90
C ILE A 320 -3.76 8.96 14.35
N THR A 321 -4.87 9.30 13.73
CA THR A 321 -5.66 8.30 13.02
C THR A 321 -6.32 9.00 11.83
N TYR A 322 -7.05 8.23 11.04
CA TYR A 322 -7.71 8.75 9.84
C TYR A 322 -8.82 7.77 9.49
N ASP A 323 -9.79 8.25 8.73
CA ASP A 323 -11.02 7.50 8.46
C ASP A 323 -10.95 6.51 7.30
N GLY A 324 -10.01 6.71 6.40
CA GLY A 324 -10.01 6.01 5.14
C GLY A 324 -10.05 4.50 5.28
N ARG A 325 -9.26 3.97 6.20
CA ARG A 325 -9.35 2.55 6.57
C ARG A 325 -10.29 2.52 7.79
N PRO A 326 -11.54 2.07 7.60
CA PRO A 326 -12.56 2.40 8.61
C PRO A 326 -12.36 1.81 10.01
N GLU A 327 -11.57 0.74 10.15
CA GLU A 327 -11.44 0.15 11.47
C GLU A 327 -10.33 0.80 12.28
N LEU A 328 -9.47 1.60 11.63
CA LEU A 328 -8.31 2.12 12.33
C LEU A 328 -8.72 2.99 13.51
N SER A 329 -9.70 3.86 13.31
CA SER A 329 -10.10 4.75 14.41
C SER A 329 -10.88 4.03 15.49
N LYS A 330 -11.51 2.92 15.16
CA LYS A 330 -12.14 2.09 16.21
C LYS A 330 -11.07 1.45 17.09
N ILE A 331 -10.00 0.98 16.47
CA ILE A 331 -8.87 0.48 17.25
C ILE A 331 -8.27 1.56 18.14
N ALA A 332 -8.06 2.75 17.59
CA ALA A 332 -7.53 3.87 18.38
C ALA A 332 -8.38 4.10 19.65
N GLN A 333 -9.70 4.03 19.50
N GLN A 333 -9.69 4.07 19.48
CA GLN A 333 -10.59 4.27 20.63
CA GLN A 333 -10.59 4.32 20.60
C GLN A 333 -10.39 3.25 21.76
C GLN A 333 -10.44 3.29 21.71
N VAL A 334 -10.30 1.97 21.41
N VAL A 334 -10.30 2.03 21.31
CA VAL A 334 -10.10 0.95 22.45
CA VAL A 334 -10.08 0.95 22.27
C VAL A 334 -8.67 1.00 23.01
C VAL A 334 -8.73 1.07 22.96
N LEU A 335 -7.70 1.39 22.19
CA LEU A 335 -6.35 1.57 22.71
C LEU A 335 -6.32 2.66 23.78
N GLN A 336 -6.98 3.77 23.47
CA GLN A 336 -7.04 4.89 24.39
C GLN A 336 -7.65 4.46 25.74
N SER A 337 -8.74 3.72 25.69
N SER A 337 -8.74 3.71 25.67
CA SER A 337 -9.42 3.33 26.93
CA SER A 337 -9.46 3.27 26.86
C SER A 337 -8.60 2.30 27.71
C SER A 337 -8.59 2.32 27.68
N ASP A 338 -8.07 1.28 27.05
CA ASP A 338 -7.19 0.31 27.73
C ASP A 338 -5.87 0.90 28.24
N ALA A 339 -5.26 1.80 27.46
CA ALA A 339 -3.99 2.43 27.85
C ALA A 339 -4.07 3.19 29.17
N LYS A 340 -5.24 3.74 29.45
CA LYS A 340 -5.46 4.51 30.68
C LYS A 340 -5.24 3.62 31.90
N LYS A 341 -5.58 2.33 31.77
CA LYS A 341 -5.37 1.34 32.83
C LYS A 341 -3.87 1.07 33.04
N ALA A 342 -3.06 1.44 32.06
CA ALA A 342 -1.63 1.24 32.17
C ALA A 342 -0.88 2.56 32.38
N ASN A 343 -1.58 3.59 32.83
CA ASN A 343 -0.95 4.90 33.08
C ASN A 343 -0.43 5.58 31.82
N ILE A 344 -1.16 5.43 30.73
CA ILE A 344 -0.87 6.20 29.53
C ILE A 344 -2.06 7.04 29.15
N GLU A 345 -1.87 8.34 29.01
CA GLU A 345 -2.95 9.16 28.50
C GLU A 345 -2.76 9.42 27.00
N ILE A 346 -3.57 8.75 26.19
CA ILE A 346 -3.57 8.94 24.75
C ILE A 346 -4.56 10.02 24.29
N ASP A 347 -4.07 10.99 23.54
CA ASP A 347 -4.91 11.94 22.84
C ASP A 347 -5.03 11.47 21.40
N ILE A 348 -6.25 11.28 20.91
CA ILE A 348 -6.42 10.85 19.53
C ILE A 348 -6.66 12.05 18.64
N LYS A 349 -5.88 12.20 17.57
CA LYS A 349 -6.19 13.26 16.60
C LYS A 349 -6.48 12.63 15.26
N SER A 350 -7.69 12.82 14.76
CA SER A 350 -8.04 12.27 13.44
C SER A 350 -7.73 13.31 12.36
N VAL A 351 -7.05 12.90 11.30
CA VAL A 351 -6.68 13.86 10.27
C VAL A 351 -7.23 13.45 8.90
N ASP A 352 -7.31 14.44 8.01
CA ASP A 352 -7.93 14.25 6.71
C ASP A 352 -6.91 13.82 5.65
N ASP A 353 -5.67 14.26 5.82
CA ASP A 353 -4.59 13.92 4.91
C ASP A 353 -3.46 13.27 5.71
N ILE A 354 -3.51 11.94 5.87
CA ILE A 354 -2.55 11.30 6.76
C ILE A 354 -1.09 11.43 6.26
N GLU A 355 -0.86 11.26 4.97
CA GLU A 355 0.53 11.27 4.49
C GLU A 355 1.15 12.66 4.68
N GLY A 356 0.39 13.72 4.43
CA GLY A 356 0.91 15.06 4.65
C GLY A 356 1.16 15.33 6.11
N TYR A 357 0.21 14.91 6.96
CA TYR A 357 0.33 15.21 8.38
C TYR A 357 1.58 14.61 9.01
N LEU A 358 1.84 13.35 8.70
CA LEU A 358 2.95 12.62 9.31
C LEU A 358 4.32 13.18 8.91
N LYS A 359 4.38 13.96 7.84
CA LYS A 359 5.65 14.54 7.40
C LYS A 359 6.29 15.45 8.46
N ASP A 360 5.46 16.03 9.30
CA ASP A 360 5.97 16.78 10.43
C ASP A 360 6.16 15.84 11.60
N ARG A 361 7.40 15.42 11.83
CA ARG A 361 7.68 14.45 12.89
C ARG A 361 7.64 15.06 14.29
N SER A 362 7.46 16.37 14.39
CA SER A 362 7.27 16.96 15.71
C SER A 362 5.79 16.98 16.12
N ALA A 363 4.91 16.56 15.22
CA ALA A 363 3.48 16.69 15.46
C ALA A 363 2.79 15.41 15.92
N TRP A 364 3.54 14.33 16.13
CA TRP A 364 2.91 13.06 16.52
C TRP A 364 3.89 12.14 17.23
N ASP A 365 3.36 11.28 18.09
CA ASP A 365 4.17 10.28 18.78
C ASP A 365 3.98 8.88 18.20
N ALA A 366 2.74 8.60 17.79
CA ALA A 366 2.41 7.33 17.17
C ALA A 366 1.30 7.57 16.20
N THR A 367 1.11 6.66 15.25
CA THR A 367 -0.03 6.82 14.36
C THR A 367 -0.61 5.46 14.05
N MET A 368 -1.94 5.42 13.94
CA MET A 368 -2.59 4.27 13.27
C MET A 368 -2.14 4.27 11.83
N TYR A 369 -1.99 3.09 11.24
CA TYR A 369 -1.53 3.03 9.87
C TYR A 369 -1.87 1.70 9.23
N SER A 370 -1.68 1.64 7.92
CA SER A 370 -2.05 0.46 7.16
C SER A 370 -1.12 0.40 5.97
N PHE A 371 -0.55 -0.76 5.67
N PHE A 371 -0.54 -0.79 5.75
CA PHE A 371 0.20 -0.80 4.44
CA PHE A 371 0.54 -1.05 4.78
C PHE A 371 0.13 -2.13 3.78
C PHE A 371 0.09 -2.17 3.79
N GLY A 372 0.39 -2.09 2.49
CA GLY A 372 0.34 -3.27 1.65
C GLY A 372 1.75 -3.85 1.74
N THR A 373 1.97 -4.80 2.63
CA THR A 373 3.36 -5.16 2.99
C THR A 373 4.05 -6.15 2.06
N ILE A 374 3.31 -6.82 1.19
CA ILE A 374 3.99 -7.77 0.31
C ILE A 374 3.13 -7.92 -0.95
N PRO A 375 3.08 -6.85 -1.75
CA PRO A 375 2.20 -6.80 -2.93
C PRO A 375 2.65 -7.67 -4.09
N ARG A 376 3.94 -7.98 -4.19
CA ARG A 376 4.44 -8.72 -5.34
C ARG A 376 5.24 -9.96 -4.95
N GLY A 377 4.90 -10.56 -3.82
CA GLY A 377 5.48 -11.83 -3.45
C GLY A 377 6.84 -11.79 -2.77
N ASP A 378 7.46 -10.62 -2.62
CA ASP A 378 8.75 -10.55 -1.93
C ASP A 378 8.78 -9.55 -0.78
N THR A 379 9.45 -9.92 0.30
CA THR A 379 9.49 -9.07 1.50
C THR A 379 10.48 -7.90 1.37
N GLY A 380 11.31 -7.92 0.34
CA GLY A 380 12.36 -6.92 0.19
C GLY A 380 11.80 -5.51 0.05
N TYR A 381 10.73 -5.35 -0.72
CA TYR A 381 10.12 -4.04 -0.94
C TYR A 381 9.78 -3.39 0.42
N PHE A 382 9.14 -4.15 1.28
CA PHE A 382 8.72 -3.59 2.57
C PHE A 382 9.92 -3.21 3.42
N PHE A 383 10.89 -4.11 3.51
CA PHE A 383 12.07 -3.82 4.33
C PHE A 383 12.79 -2.56 3.84
N ASN A 384 12.95 -2.44 2.53
CA ASN A 384 13.66 -1.29 1.99
C ASN A 384 12.91 0.02 2.16
N GLN A 385 11.58 -0.02 2.05
CA GLN A 385 10.81 1.23 2.12
C GLN A 385 10.41 1.59 3.55
N ALA A 386 10.29 0.58 4.42
CA ALA A 386 9.77 0.81 5.77
C ALA A 386 10.80 0.74 6.89
N TYR A 387 11.90 0.01 6.69
CA TYR A 387 12.86 -0.19 7.77
C TYR A 387 14.25 0.40 7.49
N LYS A 388 14.44 0.98 6.31
CA LYS A 388 15.71 1.67 6.03
C LYS A 388 15.48 3.17 6.17
N LYS A 389 16.49 3.90 6.67
CA LYS A 389 16.35 5.34 6.76
C LYS A 389 16.00 5.94 5.40
N ASP A 390 15.05 6.87 5.39
CA ASP A 390 14.59 7.56 4.18
C ASP A 390 13.79 6.69 3.24
N GLY A 391 13.52 5.44 3.63
CA GLY A 391 12.56 4.63 2.89
C GLY A 391 11.25 5.38 2.83
N ALA A 392 10.53 5.25 1.73
CA ALA A 392 9.39 6.14 1.49
C ALA A 392 8.21 5.90 2.40
N ILE A 393 8.15 4.77 3.07
CA ILE A 393 7.02 4.59 3.98
C ILE A 393 7.47 4.49 5.44
N ASN A 394 8.74 4.78 5.67
CA ASN A 394 9.31 4.80 7.01
C ASN A 394 8.98 6.12 7.73
N LYS A 395 7.70 6.36 7.98
CA LYS A 395 7.23 7.67 8.48
C LYS A 395 7.87 8.01 9.82
N GLY A 396 8.16 6.98 10.61
CA GLY A 396 8.69 7.19 11.95
C GLY A 396 10.20 7.08 12.06
N ASP A 397 10.88 6.92 10.92
CA ASP A 397 12.36 6.92 10.86
C ASP A 397 13.00 5.82 11.70
N TYR A 398 12.41 4.62 11.69
CA TYR A 398 13.07 3.47 12.30
C TYR A 398 14.36 3.15 11.56
N ASN A 399 15.47 2.97 12.28
CA ASN A 399 16.68 2.47 11.62
C ASN A 399 17.60 1.82 12.64
N ASN A 400 18.11 0.66 12.27
CA ASN A 400 18.96 -0.14 13.14
C ASN A 400 20.01 -0.73 12.21
N SER A 401 21.28 -0.39 12.43
N SER A 401 21.29 -0.41 12.47
CA SER A 401 22.36 -0.80 11.53
CA SER A 401 22.38 -0.79 11.57
C SER A 401 22.43 -2.32 11.35
C SER A 401 22.47 -2.30 11.38
N ASN A 402 22.06 -3.08 12.38
CA ASN A 402 22.09 -4.53 12.28
C ASN A 402 21.01 -5.06 11.35
N VAL A 403 19.84 -4.44 11.41
CA VAL A 403 18.77 -4.75 10.46
C VAL A 403 19.12 -4.28 9.05
N ASP A 404 19.68 -3.08 8.95
CA ASP A 404 20.22 -2.57 7.67
C ASP A 404 21.14 -3.55 6.97
N ASP A 405 22.07 -4.11 7.74
CA ASP A 405 23.06 -5.05 7.18
C ASP A 405 22.38 -6.26 6.56
N LEU A 406 21.41 -6.83 7.26
CA LEU A 406 20.70 -7.97 6.68
C LEU A 406 19.87 -7.58 5.46
N ILE A 407 19.26 -6.40 5.51
CA ILE A 407 18.47 -5.92 4.36
C ILE A 407 19.36 -5.76 3.13
N ASN A 408 20.53 -5.17 3.34
CA ASN A 408 21.47 -4.93 2.24
C ASN A 408 21.96 -6.25 1.65
N GLN A 409 22.11 -7.26 2.50
CA GLN A 409 22.51 -8.57 2.02
C GLN A 409 21.36 -9.24 1.26
N LEU A 410 20.15 -9.12 1.79
CA LEU A 410 18.98 -9.63 1.07
C LEU A 410 18.92 -9.05 -0.34
N ASN A 411 19.17 -7.75 -0.45
CA ASN A 411 19.00 -7.09 -1.75
C ASN A 411 19.82 -7.67 -2.91
N HIS A 412 20.96 -8.30 -2.61
N HIS A 412 20.93 -8.32 -2.59
CA HIS A 412 21.75 -8.89 -3.68
CA HIS A 412 21.82 -8.88 -3.59
C HIS A 412 21.80 -10.41 -3.57
C HIS A 412 21.71 -10.42 -3.67
N THR A 413 20.83 -10.99 -2.86
CA THR A 413 20.76 -12.44 -2.72
C THR A 413 19.82 -13.06 -3.76
N VAL A 414 20.37 -13.93 -4.60
CA VAL A 414 19.58 -14.52 -5.69
C VAL A 414 18.86 -15.81 -5.29
N ASP A 415 19.55 -16.68 -4.58
CA ASP A 415 18.95 -17.96 -4.21
C ASP A 415 17.70 -17.72 -3.38
N VAL A 416 16.57 -18.24 -3.82
CA VAL A 416 15.30 -17.92 -3.19
C VAL A 416 15.21 -18.47 -1.76
N LYS A 417 15.62 -19.71 -1.57
CA LYS A 417 15.65 -20.29 -0.22
C LYS A 417 16.48 -19.42 0.73
N GLU A 418 17.58 -18.87 0.21
CA GLU A 418 18.42 -18.01 1.02
C GLU A 418 17.72 -16.66 1.29
N ARG A 419 16.98 -16.15 0.31
CA ARG A 419 16.19 -14.93 0.53
C ARG A 419 15.21 -15.17 1.67
N HIS A 420 14.59 -16.35 1.68
CA HIS A 420 13.63 -16.69 2.73
C HIS A 420 14.28 -16.64 4.10
N ASN A 421 15.45 -17.25 4.22
CA ASN A 421 16.18 -17.30 5.47
C ASN A 421 16.60 -15.92 5.97
N ILE A 422 17.12 -15.10 5.07
CA ILE A 422 17.55 -13.78 5.48
C ILE A 422 16.34 -12.94 5.88
N SER A 423 15.25 -13.06 5.10
N SER A 423 15.26 -13.06 5.10
CA SER A 423 14.00 -12.38 5.43
CA SER A 423 14.00 -12.38 5.39
C SER A 423 13.54 -12.76 6.84
C SER A 423 13.48 -12.78 6.79
N ASN A 424 13.52 -14.06 7.12
CA ASN A 424 13.11 -14.50 8.46
C ASN A 424 14.05 -14.02 9.57
N ASP A 425 15.33 -13.89 9.28
CA ASP A 425 16.28 -13.28 10.22
C ASP A 425 16.01 -11.79 10.45
N ILE A 426 15.60 -11.10 9.39
CA ILE A 426 15.28 -9.67 9.54
C ILE A 426 14.04 -9.53 10.42
N ILE A 427 13.06 -10.41 10.18
CA ILE A 427 11.84 -10.43 10.97
C ILE A 427 12.18 -10.71 12.43
N LYS A 428 13.02 -11.71 12.68
CA LYS A 428 13.38 -12.04 14.05
C LYS A 428 14.10 -10.87 14.72
N LEU A 429 15.09 -10.29 14.05
CA LEU A 429 15.88 -9.25 14.70
C LEU A 429 15.08 -7.97 14.92
N SER A 430 14.36 -7.54 13.88
CA SER A 430 13.62 -6.30 13.95
C SER A 430 12.46 -6.39 15.00
N SER A 431 11.85 -7.56 15.11
N SER A 431 11.85 -7.55 15.12
CA SER A 431 10.76 -7.74 16.07
CA SER A 431 10.75 -7.71 16.08
C SER A 431 11.21 -7.40 17.50
C SER A 431 11.20 -7.44 17.52
N ARG A 432 12.48 -7.64 17.79
CA ARG A 432 13.04 -7.31 19.10
C ARG A 432 12.98 -5.82 19.39
N ASP A 433 13.04 -5.00 18.33
CA ASP A 433 13.01 -3.55 18.52
C ASP A 433 11.59 -3.01 18.64
N VAL A 434 10.60 -3.81 18.26
CA VAL A 434 9.22 -3.33 18.10
C VAL A 434 9.24 -2.03 17.27
N PRO A 435 9.64 -2.11 16.00
CA PRO A 435 9.67 -0.87 15.23
C PRO A 435 8.28 -0.29 15.06
N ASN A 436 7.33 -1.20 14.83
CA ASN A 436 5.90 -0.93 14.80
C ASN A 436 5.23 -2.09 15.51
N SER A 437 3.97 -1.89 15.89
CA SER A 437 3.14 -2.95 16.42
C SER A 437 2.15 -3.35 15.34
N TYR A 438 2.33 -4.53 14.75
CA TYR A 438 1.44 -5.01 13.68
C TYR A 438 0.25 -5.64 14.35
N ILE A 439 -0.94 -5.19 13.92
CA ILE A 439 -2.17 -5.52 14.63
C ILE A 439 -2.99 -6.62 13.95
N ALA A 440 -3.33 -6.42 12.68
CA ALA A 440 -4.19 -7.37 11.98
C ALA A 440 -3.78 -7.50 10.53
N TYR A 441 -3.89 -8.73 10.00
CA TYR A 441 -3.90 -8.99 8.55
C TYR A 441 -5.36 -8.91 8.13
N ASN A 442 -5.75 -7.88 7.40
CA ASN A 442 -7.19 -7.70 7.30
C ASN A 442 -7.68 -7.68 5.85
N ASP A 443 -8.83 -8.34 5.61
CA ASP A 443 -9.37 -8.54 4.27
C ASP A 443 -9.67 -7.23 3.59
N GLN A 444 -9.55 -7.18 2.27
CA GLN A 444 -10.09 -6.03 1.57
C GLN A 444 -11.55 -6.36 1.17
N ILE A 445 -12.44 -5.42 1.43
CA ILE A 445 -13.86 -5.64 1.18
C ILE A 445 -14.33 -4.56 0.20
N VAL A 446 -14.91 -5.01 -0.91
CA VAL A 446 -15.35 -4.10 -1.95
C VAL A 446 -16.84 -4.33 -2.13
N ALA A 447 -17.60 -3.29 -2.44
CA ALA A 447 -19.02 -3.47 -2.69
C ALA A 447 -19.45 -2.70 -3.92
N ALA A 448 -20.48 -3.19 -4.59
CA ALA A 448 -20.86 -2.62 -5.87
C ALA A 448 -22.35 -2.82 -6.13
N ASN A 449 -22.89 -1.99 -7.00
CA ASN A 449 -24.21 -2.31 -7.54
C ASN A 449 -24.10 -3.65 -8.26
N SER A 450 -25.11 -4.51 -8.11
CA SER A 450 -25.05 -5.85 -8.71
C SER A 450 -24.94 -5.82 -10.22
N LYS A 451 -25.20 -4.67 -10.85
CA LYS A 451 -25.03 -4.55 -12.30
C LYS A 451 -23.58 -4.36 -12.74
N VAL A 452 -22.67 -4.08 -11.80
CA VAL A 452 -21.26 -3.88 -12.14
C VAL A 452 -20.53 -5.21 -12.16
N LYS A 453 -19.84 -5.51 -13.25
CA LYS A 453 -19.19 -6.79 -13.45
C LYS A 453 -17.71 -6.64 -13.71
N ASN A 454 -16.93 -7.65 -13.33
CA ASN A 454 -15.53 -7.77 -13.77
C ASN A 454 -14.58 -6.64 -13.33
N TYR A 455 -14.76 -6.18 -12.11
CA TYR A 455 -13.73 -5.38 -11.48
C TYR A 455 -12.83 -6.34 -10.70
N LYS A 456 -11.66 -5.87 -10.31
CA LYS A 456 -10.69 -6.76 -9.67
C LYS A 456 -10.72 -6.60 -8.17
N VAL A 457 -10.80 -7.71 -7.46
CA VAL A 457 -10.56 -7.71 -6.01
C VAL A 457 -9.57 -8.83 -5.74
N THR A 458 -8.29 -8.56 -5.95
CA THR A 458 -7.31 -9.63 -5.88
C THR A 458 -6.27 -9.34 -4.79
N PRO A 459 -5.44 -10.34 -4.41
CA PRO A 459 -4.73 -10.18 -3.12
C PRO A 459 -3.74 -9.02 -3.03
N GLU A 460 -3.24 -8.52 -4.15
CA GLU A 460 -2.26 -7.44 -4.11
C GLU A 460 -2.90 -6.12 -3.67
N GLY A 461 -4.24 -6.06 -3.72
CA GLY A 461 -4.98 -4.89 -3.24
C GLY A 461 -4.67 -3.59 -3.95
N ILE A 462 -4.33 -3.70 -5.24
CA ILE A 462 -4.00 -2.50 -6.02
C ILE A 462 -4.96 -2.29 -7.19
N TYR A 463 -5.17 -3.35 -7.97
CA TYR A 463 -5.99 -3.27 -9.18
C TYR A 463 -7.49 -3.17 -8.87
N LEU A 464 -8.24 -2.59 -9.79
CA LEU A 464 -9.71 -2.56 -9.61
C LEU A 464 -10.42 -2.55 -10.96
N ILE A 465 -10.08 -1.55 -11.75
CA ILE A 465 -10.68 -1.33 -13.06
C ILE A 465 -9.78 -1.89 -14.15
N ASP A 466 -10.32 -2.69 -15.06
CA ASP A 466 -9.57 -2.95 -16.31
C ASP A 466 -10.49 -2.88 -17.54
N TYR A 467 -10.00 -3.27 -18.70
CA TYR A 467 -10.77 -3.03 -19.94
C TYR A 467 -12.00 -3.93 -20.05
N ARG A 468 -12.20 -4.84 -19.11
CA ARG A 468 -13.35 -5.74 -19.13
C ARG A 468 -14.39 -5.38 -18.10
N THR A 469 -14.06 -4.48 -17.18
CA THR A 469 -15.03 -4.02 -16.19
C THR A 469 -16.21 -3.39 -16.93
N THR A 470 -17.43 -3.71 -16.54
CA THR A 470 -18.57 -3.19 -17.29
C THR A 470 -19.80 -3.05 -16.44
N ILE A 471 -20.87 -2.59 -17.09
CA ILE A 471 -22.16 -2.47 -16.45
C ILE A 471 -23.20 -3.19 -17.30
N GLU A 472 -24.01 -4.04 -16.67
CA GLU A 472 -25.10 -4.72 -17.35
C GLU A 472 -26.43 -4.38 -16.71
NI NI B . -1.15 3.61 1.76
N HIS C . -0.47 3.87 3.59
CA HIS C . -1.68 4.29 4.33
C HIS C . -2.93 3.55 3.88
O HIS C . -2.95 3.07 2.77
CB HIS C . -1.94 5.78 4.17
CG HIS C . -2.20 6.22 2.76
ND1 HIS C . -1.82 5.47 1.65
CD2 HIS C . -2.81 7.33 2.26
CE1 HIS C . -2.18 6.11 0.55
NE2 HIS C . -2.78 7.24 0.89
OXT HIS C . -3.97 3.44 4.60
N HIS D . -1.84 3.25 -0.15
CA HIS D . -1.06 2.11 -0.60
C HIS D . -0.64 1.25 0.60
O HIS D . -0.34 0.05 0.44
CB HIS D . 0.17 2.59 -1.36
CG HIS D . 1.10 3.42 -0.53
ND1 HIS D . 0.72 3.95 0.69
CD2 HIS D . 2.38 3.80 -0.73
CE1 HIS D . 1.74 4.63 1.20
NE2 HIS D . 2.75 4.58 0.34
OXT HIS D . -0.60 1.74 1.76
C1 GOL E . 4.44 -7.06 -30.73
O1 GOL E . 5.56 -7.35 -31.56
C2 GOL E . 3.41 -8.17 -30.55
O2 GOL E . 2.96 -8.05 -29.23
C3 GOL E . 2.23 -7.91 -31.47
O3 GOL E . 1.44 -9.07 -31.55
N1 EPE F . 20.79 7.06 3.81
C2 EPE F . 20.90 8.39 4.44
C3 EPE F . 20.92 9.46 3.36
N4 EPE F . 19.96 9.27 2.27
C5 EPE F . 19.58 7.92 1.89
C6 EPE F . 19.50 7.00 3.10
C7 EPE F . 19.99 10.22 1.18
C8 EPE F . 19.57 11.64 1.59
O8 EPE F . 18.25 11.63 2.07
C9 EPE F . 20.81 5.97 4.79
C10 EPE F . 22.16 5.82 5.47
S EPE F . 22.04 4.45 6.67
O1S EPE F . 23.33 3.92 7.07
O2S EPE F . 21.22 3.38 6.11
O3S EPE F . 21.35 5.02 7.83
C1 GOL G . 6.88 -7.44 18.95
O1 GOL G . 7.54 -6.94 17.79
C2 GOL G . 5.79 -8.46 18.66
O2 GOL G . 4.51 -7.86 18.53
C3 GOL G . 6.05 -9.31 17.43
O3 GOL G . 4.95 -10.19 17.29
C1 GOL H . -8.89 -1.93 -3.27
O1 GOL H . -8.55 -0.58 -3.56
C2 GOL H . -9.11 -2.56 -4.64
O2 GOL H . -7.90 -2.39 -5.35
C3 GOL H . -9.52 -4.03 -4.55
O3 GOL H . -8.45 -4.83 -4.05
C1 GOL I . -10.39 -5.82 22.10
O1 GOL I . -9.63 -4.65 22.27
C2 GOL I . -11.86 -5.43 22.18
O2 GOL I . -12.61 -6.61 22.22
C3 GOL I . -12.19 -4.69 20.91
O3 GOL I . -13.52 -4.23 21.02
C1 GOL J . 20.10 -1.28 -26.38
O1 GOL J . 20.08 0.10 -26.67
C2 GOL J . 18.75 -1.84 -26.77
O2 GOL J . 18.33 -2.72 -25.76
C3 GOL J . 18.90 -2.61 -28.08
O3 GOL J . 19.26 -3.95 -27.83
C1 GOL K . -0.34 21.03 15.42
O1 GOL K . 0.23 19.80 15.79
C2 GOL K . -1.86 20.94 15.50
O2 GOL K . -2.39 20.86 14.20
C3 GOL K . -2.26 19.71 16.30
O3 GOL K . -3.66 19.67 16.45
C1 GOL L . 19.30 -6.68 -11.87
O1 GOL L . 20.11 -7.44 -11.01
C2 GOL L . 18.58 -7.58 -12.91
O2 GOL L . 17.79 -8.57 -12.28
C3 GOL L . 19.59 -8.22 -13.84
O3 GOL L . 18.94 -9.17 -14.68
C1 GOL M . 16.06 3.55 1.56
O1 GOL M . 15.78 2.21 1.19
C2 GOL M . 17.55 3.90 1.54
O2 GOL M . 18.15 3.59 0.32
C3 GOL M . 18.33 3.18 2.62
O3 GOL M . 18.56 4.02 3.75
C1 GOL N . -16.62 -8.72 -9.79
O1 GOL N . -15.50 -9.07 -10.55
C2 GOL N . -17.58 -9.90 -9.83
O2 GOL N . -18.87 -9.52 -9.36
C3 GOL N . -17.72 -10.36 -11.28
O3 GOL N . -18.47 -9.40 -11.97
C1 GOL O . -5.10 18.38 9.87
O1 GOL O . -5.81 18.60 11.07
C2 GOL O . -5.81 17.32 9.04
O2 GOL O . -7.20 17.31 9.22
C3 GOL O . -5.48 17.46 7.56
O3 GOL O . -4.45 16.54 7.28
#